data_2RDL
#
_entry.id   2RDL
#
_cell.length_a   71.272
_cell.length_b   71.272
_cell.length_c   198.575
_cell.angle_alpha   90.00
_cell.angle_beta   90.00
_cell.angle_gamma   90.00
#
_symmetry.space_group_name_H-M   'P 43 21 2'
#
loop_
_entity.id
_entity.type
_entity.pdbx_description
1 polymer 'Chymase 2'
2 polymer 'METHOXYSUCCINYL-ALA-ALA-PRO-ALA-CHLOROMETHYLKETONE INHIBITOR'
3 non-polymer 'SULFATE ION'
4 water water
#
loop_
_entity_poly.entity_id
_entity_poly.type
_entity_poly.pdbx_seq_one_letter_code
_entity_poly.pdbx_strand_id
1 'polypeptide(L)'
;IIGGTECRPHARPYMAYLEIVTPENHLSACSGFLIRRNFVMTAAHCAGRSITVLLGAHNKKVKEDTWQKLEVEKQFPHPK
YDDRLVLNDIMLLKLKEKANLTLGVGTLPISAKSNSIPPGRVCRAVGWGRTNVNEPPSDTLQEVKMRILDPQACKHFEDF
HQEPQLCVGNPKKIRNVYKGDSGGPLLCAGIAQGIASYVLRNAKPPSVFTRISHYRPWINKILREN
;
A,B
2 'polypeptide(L)' (MSU)AAP(ALV)(0QE) I,J
#
# COMPACT_ATOMS: atom_id res chain seq x y z
N ILE A 1 -15.04 -8.83 -1.66
CA ILE A 1 -15.59 -7.77 -0.78
C ILE A 1 -15.10 -7.99 0.64
N ILE A 2 -14.45 -6.96 1.21
CA ILE A 2 -13.93 -7.06 2.56
C ILE A 2 -14.76 -6.29 3.57
N GLY A 3 -15.12 -6.98 4.66
CA GLY A 3 -15.89 -6.38 5.73
C GLY A 3 -17.35 -6.20 5.35
N GLY A 4 -17.77 -6.93 4.32
CA GLY A 4 -19.14 -6.83 3.86
C GLY A 4 -20.13 -7.77 4.53
N THR A 5 -21.24 -7.97 3.84
CA THR A 5 -22.33 -8.84 4.29
C THR A 5 -22.80 -9.59 3.06
N GLU A 6 -23.39 -10.76 3.28
CA GLU A 6 -23.90 -11.56 2.16
C GLU A 6 -25.15 -10.88 1.63
N CYS A 7 -25.29 -10.82 0.32
CA CYS A 7 -26.46 -10.18 -0.26
C CYS A 7 -27.67 -11.09 -0.09
N ARG A 8 -28.85 -10.50 -0.21
CA ARG A 8 -30.09 -11.25 -0.09
C ARG A 8 -30.17 -11.95 -1.44
N PRO A 9 -30.48 -13.25 -1.45
CA PRO A 9 -30.59 -14.08 -2.65
C PRO A 9 -31.38 -13.47 -3.80
N HIS A 10 -30.68 -13.26 -4.92
CA HIS A 10 -31.26 -12.69 -6.13
C HIS A 10 -31.81 -11.29 -5.97
N ALA A 11 -31.30 -10.55 -5.00
CA ALA A 11 -31.75 -9.18 -4.76
C ALA A 11 -31.08 -8.19 -5.72
N ARG A 12 -30.06 -8.65 -6.43
CA ARG A 12 -29.32 -7.82 -7.39
C ARG A 12 -29.11 -8.67 -8.64
N PRO A 13 -30.20 -8.98 -9.36
CA PRO A 13 -30.28 -9.78 -10.58
C PRO A 13 -29.43 -9.32 -11.77
N TYR A 14 -28.73 -8.19 -11.61
CA TYR A 14 -27.89 -7.69 -12.70
C TYR A 14 -26.45 -8.16 -12.53
N MET A 15 -26.11 -8.66 -11.34
CA MET A 15 -24.74 -9.12 -11.09
C MET A 15 -24.32 -10.31 -11.96
N ALA A 16 -23.12 -10.21 -12.50
CA ALA A 16 -22.60 -11.27 -13.36
C ALA A 16 -21.25 -11.78 -12.86
N TYR A 17 -21.08 -13.09 -12.92
CA TYR A 17 -19.85 -13.72 -12.49
C TYR A 17 -19.14 -14.06 -13.80
N LEU A 18 -17.90 -13.59 -13.94
CA LEU A 18 -17.16 -13.86 -15.16
C LEU A 18 -15.98 -14.78 -15.01
N GLU A 19 -15.94 -15.82 -15.83
CA GLU A 19 -14.84 -16.77 -15.80
C GLU A 19 -14.00 -16.44 -17.03
N ILE A 20 -12.76 -16.06 -16.80
CA ILE A 20 -11.86 -15.70 -17.88
C ILE A 20 -10.61 -16.54 -18.12
N VAL A 21 -10.26 -16.66 -19.39
CA VAL A 21 -9.09 -17.40 -19.81
C VAL A 21 -8.28 -16.19 -20.27
N THR A 22 -7.29 -15.80 -19.48
CA THR A 22 -6.47 -14.65 -19.84
C THR A 22 -5.70 -14.85 -21.13
N PRO A 23 -5.08 -13.78 -21.65
CA PRO A 23 -4.30 -13.87 -22.88
C PRO A 23 -3.07 -14.74 -22.62
N GLU A 24 -2.54 -14.68 -21.40
CA GLU A 24 -1.37 -15.47 -21.01
C GLU A 24 -1.80 -16.93 -20.82
N ASN A 25 -3.08 -17.19 -21.05
CA ASN A 25 -3.66 -18.53 -20.91
C ASN A 25 -3.84 -18.97 -19.46
N HIS A 26 -4.08 -18.01 -18.58
CA HIS A 26 -4.30 -18.29 -17.17
C HIS A 26 -5.80 -18.24 -16.92
N LEU A 27 -6.28 -19.05 -15.97
CA LEU A 27 -7.70 -19.07 -15.64
C LEU A 27 -7.94 -18.03 -14.55
N SER A 28 -8.93 -17.17 -14.75
CA SER A 28 -9.23 -16.14 -13.76
C SER A 28 -10.72 -15.83 -13.67
N ALA A 29 -11.08 -14.98 -12.70
CA ALA A 29 -12.48 -14.60 -12.52
C ALA A 29 -12.64 -13.13 -12.13
N CYS A 30 -13.74 -12.52 -12.58
CA CYS A 30 -14.07 -11.13 -12.30
C CYS A 30 -15.56 -10.97 -12.10
N SER A 31 -15.98 -9.78 -11.70
CA SER A 31 -17.38 -9.48 -11.47
C SER A 31 -17.82 -8.61 -12.65
N GLY A 32 -19.13 -8.40 -12.77
CA GLY A 32 -19.65 -7.58 -13.84
C GLY A 32 -21.14 -7.41 -13.68
N PHE A 33 -21.75 -6.54 -14.49
CA PHE A 33 -23.18 -6.33 -14.39
C PHE A 33 -23.83 -6.13 -15.74
N LEU A 34 -25.03 -6.67 -15.88
CA LEU A 34 -25.80 -6.57 -17.11
C LEU A 34 -26.47 -5.20 -17.22
N ILE A 35 -26.18 -4.49 -18.31
CA ILE A 35 -26.78 -3.18 -18.50
C ILE A 35 -27.82 -3.18 -19.61
N ARG A 36 -27.89 -4.30 -20.33
CA ARG A 36 -28.83 -4.48 -21.44
C ARG A 36 -28.84 -5.99 -21.60
N ARG A 37 -29.91 -6.54 -22.15
CA ARG A 37 -30.02 -7.99 -22.35
C ARG A 37 -28.83 -8.73 -22.96
N ASN A 38 -28.03 -8.06 -23.77
CA ASN A 38 -26.90 -8.74 -24.38
C ASN A 38 -25.58 -7.98 -24.23
N PHE A 39 -25.50 -7.17 -23.18
CA PHE A 39 -24.30 -6.37 -22.89
C PHE A 39 -23.99 -6.31 -21.39
N VAL A 40 -22.79 -6.74 -21.04
CA VAL A 40 -22.34 -6.74 -19.66
C VAL A 40 -21.21 -5.73 -19.53
N MET A 41 -21.18 -5.00 -18.42
CA MET A 41 -20.13 -4.01 -18.20
C MET A 41 -19.16 -4.58 -17.17
N THR A 42 -17.87 -4.32 -17.37
CA THR A 42 -16.85 -4.80 -16.45
C THR A 42 -15.53 -4.04 -16.62
N ALA A 43 -14.46 -4.57 -16.02
CA ALA A 43 -13.14 -3.95 -16.11
C ALA A 43 -12.36 -4.45 -17.32
N ALA A 44 -11.58 -3.56 -17.94
CA ALA A 44 -10.79 -3.93 -19.10
C ALA A 44 -9.68 -4.94 -18.78
N HIS A 45 -9.12 -4.88 -17.58
CA HIS A 45 -8.06 -5.83 -17.24
C HIS A 45 -8.56 -7.25 -17.07
N CYS A 46 -9.85 -7.47 -17.34
CA CYS A 46 -10.46 -8.79 -17.23
C CYS A 46 -10.65 -9.38 -18.63
N ALA A 47 -10.10 -8.70 -19.63
CA ALA A 47 -10.21 -9.16 -21.02
C ALA A 47 -9.37 -10.43 -21.18
N GLY A 48 -9.66 -11.21 -22.22
CA GLY A 48 -8.89 -12.41 -22.43
C GLY A 48 -9.17 -13.14 -23.72
N ARG A 49 -8.77 -14.40 -23.76
CA ARG A 49 -8.95 -15.24 -24.93
C ARG A 49 -10.42 -15.59 -25.09
N SER A 50 -11.08 -15.86 -23.97
CA SER A 50 -12.49 -16.22 -23.98
C SER A 50 -13.08 -15.80 -22.65
N ILE A 51 -14.39 -15.65 -22.61
CA ILE A 51 -15.08 -15.25 -21.39
C ILE A 51 -16.49 -15.81 -21.32
N THR A 52 -16.85 -16.28 -20.13
CA THR A 52 -18.17 -16.84 -19.90
C THR A 52 -18.88 -15.92 -18.91
N VAL A 53 -20.19 -15.81 -19.07
CA VAL A 53 -20.99 -14.96 -18.21
C VAL A 53 -22.06 -15.77 -17.51
N LEU A 54 -22.07 -15.72 -16.18
CA LEU A 54 -23.05 -16.45 -15.39
C LEU A 54 -23.97 -15.41 -14.74
N LEU A 55 -25.26 -15.51 -15.03
CA LEU A 55 -26.26 -14.61 -14.48
C LEU A 55 -27.30 -15.40 -13.69
N GLY A 56 -27.99 -14.72 -12.78
CA GLY A 56 -29.02 -15.36 -11.98
C GLY A 56 -28.50 -16.22 -10.85
N ALA A 57 -27.28 -15.96 -10.40
CA ALA A 57 -26.73 -16.75 -9.30
C ALA A 57 -26.49 -15.93 -8.06
N HIS A 58 -26.48 -16.61 -6.91
CA HIS A 58 -26.24 -15.99 -5.62
C HIS A 58 -24.97 -16.68 -5.12
N ASN A 59 -25.02 -18.01 -5.06
CA ASN A 59 -23.87 -18.78 -4.62
C ASN A 59 -23.37 -19.47 -5.89
N LYS A 60 -22.19 -19.09 -6.35
CA LYS A 60 -21.62 -19.66 -7.57
C LYS A 60 -21.37 -21.17 -7.50
N LYS A 61 -21.54 -21.78 -6.33
CA LYS A 61 -21.32 -23.22 -6.20
C LYS A 61 -22.64 -23.98 -6.12
N VAL A 62 -23.75 -23.26 -6.15
CA VAL A 62 -25.05 -23.90 -6.07
C VAL A 62 -25.91 -23.61 -7.30
N LYS A 63 -26.03 -24.59 -8.19
CA LYS A 63 -26.81 -24.44 -9.41
C LYS A 63 -28.28 -24.22 -9.08
N GLU A 64 -28.90 -23.26 -9.74
CA GLU A 64 -30.31 -22.97 -9.51
C GLU A 64 -31.01 -22.77 -10.84
N ASP A 65 -32.34 -22.81 -10.82
CA ASP A 65 -33.13 -22.63 -12.05
C ASP A 65 -32.85 -21.30 -12.72
N THR A 66 -32.63 -20.27 -11.90
CA THR A 66 -32.36 -18.94 -12.38
C THR A 66 -31.05 -18.80 -13.15
N TRP A 67 -30.17 -19.77 -13.03
CA TRP A 67 -28.88 -19.73 -13.73
C TRP A 67 -28.95 -19.61 -15.24
N GLN A 68 -28.20 -18.66 -15.77
CA GLN A 68 -28.13 -18.42 -17.22
C GLN A 68 -26.67 -18.18 -17.53
N LYS A 69 -26.02 -19.17 -18.13
CA LYS A 69 -24.62 -19.06 -18.48
C LYS A 69 -24.49 -18.72 -19.97
N LEU A 70 -23.97 -17.54 -20.28
CA LEU A 70 -23.82 -17.12 -21.67
C LEU A 70 -22.39 -16.85 -22.11
N GLU A 71 -22.10 -17.18 -23.36
CA GLU A 71 -20.76 -16.96 -23.89
C GLU A 71 -20.67 -15.53 -24.36
N VAL A 72 -19.46 -14.98 -24.35
CA VAL A 72 -19.28 -13.61 -24.79
C VAL A 72 -18.96 -13.66 -26.27
N GLU A 73 -19.74 -12.90 -27.04
CA GLU A 73 -19.58 -12.84 -28.48
C GLU A 73 -18.49 -11.86 -28.88
N LYS A 74 -18.43 -10.71 -28.19
CA LYS A 74 -17.42 -9.71 -28.50
C LYS A 74 -17.00 -8.88 -27.30
N GLN A 75 -15.72 -8.58 -27.23
CA GLN A 75 -15.17 -7.79 -26.14
C GLN A 75 -14.90 -6.37 -26.62
N PHE A 76 -15.30 -5.39 -25.82
CA PHE A 76 -15.09 -3.99 -26.16
C PHE A 76 -14.30 -3.26 -25.08
N PRO A 77 -13.03 -3.63 -24.89
CA PRO A 77 -12.23 -2.94 -23.86
C PRO A 77 -12.04 -1.52 -24.36
N HIS A 78 -12.00 -0.55 -23.47
CA HIS A 78 -11.82 0.82 -23.88
C HIS A 78 -10.58 0.97 -24.75
N PRO A 79 -10.71 1.63 -25.92
CA PRO A 79 -9.58 1.83 -26.85
C PRO A 79 -8.34 2.47 -26.24
N LYS A 80 -8.53 3.26 -25.18
CA LYS A 80 -7.40 3.92 -24.52
C LYS A 80 -6.94 3.19 -23.27
N TYR A 81 -7.42 1.98 -23.05
CA TYR A 81 -7.00 1.26 -21.86
C TYR A 81 -5.49 1.11 -21.83
N ASP A 82 -4.90 1.30 -20.66
CA ASP A 82 -3.46 1.18 -20.47
C ASP A 82 -3.21 0.19 -19.33
N ASP A 83 -2.72 -1.01 -19.65
CA ASP A 83 -2.45 -2.02 -18.64
C ASP A 83 -1.41 -1.65 -17.58
N ARG A 84 -0.36 -0.95 -17.97
CA ARG A 84 0.69 -0.56 -17.03
C ARG A 84 0.17 0.45 -16.01
N LEU A 85 -0.49 1.49 -16.49
CA LEU A 85 -1.04 2.53 -15.62
C LEU A 85 -2.43 2.16 -15.10
N VAL A 86 -3.07 1.21 -15.77
CA VAL A 86 -4.40 0.78 -15.37
C VAL A 86 -5.33 1.98 -15.47
N LEU A 87 -5.30 2.62 -16.64
CA LEU A 87 -6.12 3.79 -16.91
C LEU A 87 -7.18 3.36 -17.93
N ASN A 88 -8.33 4.02 -17.91
CA ASN A 88 -9.41 3.69 -18.83
C ASN A 88 -9.76 2.20 -18.74
N ASP A 89 -9.80 1.71 -17.50
CA ASP A 89 -10.11 0.31 -17.21
C ASP A 89 -11.62 0.10 -17.16
N ILE A 90 -12.20 -0.10 -18.33
CA ILE A 90 -13.64 -0.32 -18.46
C ILE A 90 -13.86 -1.11 -19.74
N MET A 91 -14.82 -2.02 -19.72
CA MET A 91 -15.09 -2.81 -20.91
C MET A 91 -16.55 -3.21 -21.05
N LEU A 92 -16.98 -3.39 -22.29
CA LEU A 92 -18.34 -3.79 -22.59
C LEU A 92 -18.27 -5.15 -23.27
N LEU A 93 -19.10 -6.08 -22.84
CA LEU A 93 -19.11 -7.41 -23.42
C LEU A 93 -20.44 -7.71 -24.09
N LYS A 94 -20.41 -7.99 -25.38
CA LYS A 94 -21.63 -8.30 -26.12
C LYS A 94 -21.82 -9.81 -26.04
N LEU A 95 -22.96 -10.23 -25.51
CA LEU A 95 -23.27 -11.66 -25.38
C LEU A 95 -23.75 -12.33 -26.67
N LYS A 96 -23.39 -13.61 -26.81
CA LYS A 96 -23.76 -14.41 -27.98
C LYS A 96 -25.28 -14.41 -28.16
N GLU A 97 -25.98 -14.49 -27.04
CA GLU A 97 -27.44 -14.49 -27.06
C GLU A 97 -27.91 -13.49 -26.03
N LYS A 98 -29.16 -13.06 -26.16
CA LYS A 98 -29.73 -12.10 -25.24
C LYS A 98 -30.16 -12.84 -23.98
N ALA A 99 -29.89 -12.26 -22.82
CA ALA A 99 -30.27 -12.90 -21.57
C ALA A 99 -31.77 -12.71 -21.42
N ASN A 100 -32.41 -13.61 -20.68
CA ASN A 100 -33.85 -13.53 -20.47
C ASN A 100 -34.07 -12.74 -19.20
N LEU A 101 -34.83 -11.65 -19.30
CA LEU A 101 -35.10 -10.83 -18.14
C LEU A 101 -36.21 -11.39 -17.27
N THR A 102 -36.02 -12.63 -16.83
CA THR A 102 -37.01 -13.29 -15.98
C THR A 102 -36.52 -13.16 -14.55
N LEU A 103 -37.03 -14.01 -13.66
CA LEU A 103 -36.63 -13.97 -12.27
C LEU A 103 -35.15 -14.31 -12.10
N GLY A 104 -34.48 -13.53 -11.28
CA GLY A 104 -33.07 -13.76 -11.03
C GLY A 104 -32.14 -12.98 -11.95
N VAL A 105 -32.69 -12.46 -13.04
CA VAL A 105 -31.88 -11.71 -14.00
C VAL A 105 -32.54 -10.44 -14.49
N GLY A 106 -31.84 -9.32 -14.34
CA GLY A 106 -32.35 -8.03 -14.77
C GLY A 106 -31.20 -7.09 -15.09
N THR A 107 -31.49 -5.91 -15.63
CA THR A 107 -30.43 -4.95 -15.96
C THR A 107 -30.24 -3.89 -14.89
N LEU A 108 -29.14 -3.15 -15.02
CA LEU A 108 -28.80 -2.11 -14.08
C LEU A 108 -28.59 -0.79 -14.79
N PRO A 109 -29.36 0.23 -14.40
CA PRO A 109 -29.21 1.55 -15.04
C PRO A 109 -27.87 2.14 -14.61
N ILE A 110 -27.23 2.86 -15.53
CA ILE A 110 -25.93 3.46 -15.24
C ILE A 110 -26.09 4.98 -15.18
N SER A 111 -25.10 5.64 -14.56
CA SER A 111 -25.12 7.09 -14.42
C SER A 111 -24.95 7.89 -15.70
N ALA A 112 -25.61 9.05 -15.75
CA ALA A 112 -25.55 9.94 -16.89
C ALA A 112 -24.25 10.73 -16.84
N LYS A 113 -23.81 11.21 -18.00
CA LYS A 113 -22.58 11.98 -18.12
C LYS A 113 -22.44 13.11 -17.10
N SER A 114 -23.56 13.72 -16.71
CA SER A 114 -23.52 14.82 -15.75
C SER A 114 -24.37 14.52 -14.52
N ASN A 115 -24.43 13.24 -14.14
CA ASN A 115 -25.21 12.82 -12.99
C ASN A 115 -24.30 12.07 -12.01
N SER A 116 -22.99 12.33 -12.13
CA SER A 116 -22.00 11.69 -11.27
C SER A 116 -22.23 11.89 -9.77
N ILE A 117 -21.39 11.23 -8.96
CA ILE A 117 -21.48 11.31 -7.50
C ILE A 117 -20.41 12.20 -6.86
N PRO A 118 -20.80 13.02 -5.86
CA PRO A 118 -19.89 13.93 -5.14
C PRO A 118 -19.25 13.29 -3.90
N PRO A 119 -18.04 13.76 -3.53
CA PRO A 119 -17.39 13.17 -2.34
C PRO A 119 -18.34 13.24 -1.16
N GLY A 120 -18.20 12.32 -0.22
CA GLY A 120 -19.06 12.34 0.94
C GLY A 120 -20.22 11.35 0.87
N ARG A 121 -20.67 11.04 -0.34
CA ARG A 121 -21.78 10.08 -0.51
C ARG A 121 -21.36 8.65 -0.20
N VAL A 122 -22.28 7.89 0.41
CA VAL A 122 -22.02 6.50 0.74
C VAL A 122 -22.65 5.60 -0.33
N CYS A 123 -21.85 4.76 -0.96
CA CYS A 123 -22.36 3.86 -1.99
C CYS A 123 -22.09 2.40 -1.56
N ARG A 124 -22.47 1.45 -2.40
CA ARG A 124 -22.27 0.03 -2.10
C ARG A 124 -21.53 -0.67 -3.22
N ALA A 125 -20.48 -1.40 -2.85
CA ALA A 125 -19.68 -2.14 -3.83
C ALA A 125 -20.27 -3.56 -3.77
N VAL A 126 -20.31 -4.24 -4.91
CA VAL A 126 -20.85 -5.59 -4.97
C VAL A 126 -20.00 -6.49 -5.86
N GLY A 127 -19.54 -7.60 -5.31
CA GLY A 127 -18.71 -8.50 -6.10
C GLY A 127 -18.59 -9.89 -5.51
N TRP A 128 -17.83 -10.74 -6.21
CA TRP A 128 -17.59 -12.11 -5.79
C TRP A 128 -16.15 -12.32 -5.34
N GLY A 129 -15.41 -11.23 -5.18
CA GLY A 129 -14.01 -11.33 -4.78
C GLY A 129 -13.74 -11.92 -3.40
N ARG A 130 -12.47 -11.91 -3.02
CA ARG A 130 -12.02 -12.41 -1.74
C ARG A 130 -12.57 -11.61 -0.56
N THR A 131 -12.87 -12.29 0.53
CA THR A 131 -13.41 -11.63 1.71
C THR A 131 -12.29 -11.03 2.54
N ASN A 132 -11.06 -11.23 2.07
CA ASN A 132 -9.88 -10.72 2.76
C ASN A 132 -8.63 -11.10 1.96
N VAL A 133 -7.50 -10.49 2.35
CA VAL A 133 -6.22 -10.74 1.68
C VAL A 133 -5.85 -12.19 1.42
N ASN A 134 -5.94 -13.04 2.45
CA ASN A 134 -5.59 -14.44 2.27
C ASN A 134 -6.80 -15.37 2.29
N GLU A 135 -7.99 -14.78 2.23
CA GLU A 135 -9.19 -15.58 2.23
C GLU A 135 -9.62 -15.89 0.80
N PRO A 136 -10.42 -16.93 0.61
CA PRO A 136 -10.81 -17.25 -0.75
C PRO A 136 -11.92 -16.35 -1.32
N PRO A 137 -12.18 -16.47 -2.62
CA PRO A 137 -13.23 -15.68 -3.27
C PRO A 137 -14.51 -16.21 -2.64
N SER A 138 -15.43 -15.32 -2.32
CA SER A 138 -16.68 -15.73 -1.70
C SER A 138 -17.60 -16.51 -2.65
N ASP A 139 -18.21 -17.59 -2.16
CA ASP A 139 -19.12 -18.38 -3.00
C ASP A 139 -20.39 -17.57 -3.22
N THR A 140 -20.79 -16.85 -2.19
CA THR A 140 -21.98 -16.02 -2.27
C THR A 140 -21.68 -14.57 -2.60
N LEU A 141 -22.64 -13.91 -3.24
CA LEU A 141 -22.48 -12.52 -3.62
C LEU A 141 -22.45 -11.69 -2.33
N GLN A 142 -21.52 -10.75 -2.27
CA GLN A 142 -21.35 -9.88 -1.11
C GLN A 142 -21.49 -8.39 -1.46
N GLU A 143 -21.77 -7.60 -0.44
CA GLU A 143 -21.92 -6.15 -0.63
C GLU A 143 -21.42 -5.44 0.62
N VAL A 144 -20.85 -4.25 0.42
CA VAL A 144 -20.34 -3.45 1.52
C VAL A 144 -20.44 -1.95 1.22
N LYS A 145 -20.70 -1.17 2.27
CA LYS A 145 -20.82 0.27 2.14
C LYS A 145 -19.43 0.88 2.06
N MET A 146 -19.27 1.90 1.24
CA MET A 146 -17.98 2.58 1.07
C MET A 146 -18.25 4.04 0.71
N ARG A 147 -17.54 4.95 1.37
CA ARG A 147 -17.75 6.35 1.08
C ARG A 147 -16.86 6.91 -0.02
N ILE A 148 -17.40 7.85 -0.79
CA ILE A 148 -16.63 8.47 -1.86
C ILE A 148 -15.74 9.50 -1.18
N LEU A 149 -14.44 9.44 -1.44
CA LEU A 149 -13.50 10.38 -0.84
C LEU A 149 -13.06 11.44 -1.85
N ASP A 150 -12.42 12.48 -1.34
CA ASP A 150 -11.94 13.55 -2.20
C ASP A 150 -10.73 12.97 -2.93
N PRO A 151 -10.58 13.26 -4.22
CA PRO A 151 -9.44 12.74 -4.99
C PRO A 151 -8.07 12.82 -4.31
N GLN A 152 -7.91 13.70 -3.33
CA GLN A 152 -6.64 13.85 -2.62
C GLN A 152 -6.30 12.62 -1.78
N ALA A 153 -7.31 11.89 -1.34
CA ALA A 153 -7.08 10.70 -0.53
C ALA A 153 -6.40 9.59 -1.33
N CYS A 154 -6.34 9.76 -2.65
CA CYS A 154 -5.73 8.78 -3.55
C CYS A 154 -4.43 9.28 -4.19
N LYS A 155 -3.83 10.32 -3.65
CA LYS A 155 -2.59 10.81 -4.24
C LYS A 155 -1.43 9.83 -4.16
N HIS A 156 -1.56 8.82 -3.30
CA HIS A 156 -0.50 7.82 -3.15
C HIS A 156 -0.46 6.86 -4.33
N PHE A 157 -1.44 6.98 -5.22
CA PHE A 157 -1.53 6.14 -6.42
C PHE A 157 -1.04 7.06 -7.53
N GLU A 158 0.25 6.98 -7.84
CA GLU A 158 0.84 7.82 -8.88
C GLU A 158 0.10 8.00 -10.21
N ASP A 159 -0.70 7.03 -10.63
CA ASP A 159 -1.40 7.20 -11.90
C ASP A 159 -2.89 7.50 -11.79
N PHE A 160 -3.34 7.90 -10.61
CA PHE A 160 -4.74 8.22 -10.40
C PHE A 160 -5.11 9.58 -11.00
N HIS A 161 -6.34 9.69 -11.49
CA HIS A 161 -6.84 10.93 -12.09
C HIS A 161 -8.31 11.06 -11.68
N GLN A 162 -8.61 12.13 -10.96
CA GLN A 162 -9.97 12.39 -10.50
C GLN A 162 -11.04 12.46 -11.58
N GLU A 163 -10.65 12.91 -12.77
CA GLU A 163 -11.58 13.02 -13.87
C GLU A 163 -12.20 11.67 -14.25
N PRO A 164 -11.37 10.69 -14.67
CA PRO A 164 -11.97 9.41 -15.03
C PRO A 164 -12.11 8.38 -13.90
N GLN A 165 -11.53 8.66 -12.74
CA GLN A 165 -11.61 7.72 -11.64
C GLN A 165 -12.18 8.28 -10.34
N LEU A 166 -12.54 7.37 -9.44
CA LEU A 166 -13.11 7.73 -8.14
C LEU A 166 -12.25 7.14 -7.02
N CYS A 167 -12.14 7.89 -5.92
CA CYS A 167 -11.37 7.48 -4.76
C CYS A 167 -12.41 7.02 -3.74
N VAL A 168 -12.48 5.71 -3.52
CA VAL A 168 -13.45 5.14 -2.59
C VAL A 168 -12.97 4.34 -1.37
N GLY A 169 -13.59 4.59 -0.22
CA GLY A 169 -13.26 3.86 0.99
C GLY A 169 -12.50 4.57 2.09
N ASN A 170 -13.21 4.87 3.18
CA ASN A 170 -12.58 5.52 4.33
C ASN A 170 -11.40 4.64 4.75
N PRO A 171 -10.20 5.22 4.80
CA PRO A 171 -8.98 4.51 5.17
C PRO A 171 -8.91 3.97 6.61
N LYS A 172 -9.79 4.47 7.47
CA LYS A 172 -9.79 4.02 8.87
C LYS A 172 -10.54 2.70 9.04
N LYS A 173 -11.32 2.31 8.04
CA LYS A 173 -12.07 1.07 8.09
C LYS A 173 -11.42 -0.03 7.26
N ILE A 174 -11.99 -1.23 7.33
CA ILE A 174 -11.46 -2.36 6.57
C ILE A 174 -12.34 -2.60 5.34
N ARG A 175 -13.54 -2.03 5.37
CA ARG A 175 -14.47 -2.18 4.25
C ARG A 175 -13.77 -1.81 2.95
N ASN A 176 -13.87 -2.68 1.97
CA ASN A 176 -13.22 -2.42 0.70
C ASN A 176 -13.49 -3.53 -0.31
N VAL A 177 -12.95 -3.38 -1.51
CA VAL A 177 -13.12 -4.39 -2.55
C VAL A 177 -11.72 -5.00 -2.65
N TYR A 178 -11.60 -6.14 -3.31
CA TYR A 178 -10.30 -6.78 -3.45
C TYR A 178 -10.25 -7.68 -4.68
N LYS A 179 -9.22 -8.53 -4.77
CA LYS A 179 -9.06 -9.44 -5.89
C LYS A 179 -10.34 -10.21 -6.20
N GLY A 180 -10.80 -10.12 -7.44
CA GLY A 180 -12.01 -10.81 -7.83
C GLY A 180 -13.21 -9.88 -7.93
N ASP A 181 -13.13 -8.69 -7.32
CA ASP A 181 -14.24 -7.74 -7.36
C ASP A 181 -14.23 -6.84 -8.59
N SER A 182 -13.11 -6.76 -9.28
CA SER A 182 -13.01 -5.91 -10.48
C SER A 182 -14.20 -6.12 -11.41
N GLY A 183 -14.69 -5.02 -11.99
CA GLY A 183 -15.81 -5.09 -12.89
C GLY A 183 -17.12 -4.96 -12.17
N GLY A 184 -17.10 -5.15 -10.85
CA GLY A 184 -18.31 -5.02 -10.06
C GLY A 184 -18.74 -3.57 -10.03
N PRO A 185 -20.03 -3.30 -9.84
CA PRO A 185 -20.48 -1.92 -9.80
C PRO A 185 -20.48 -1.26 -8.43
N LEU A 186 -20.37 0.06 -8.44
CA LEU A 186 -20.36 0.85 -7.23
C LEU A 186 -21.73 1.53 -7.34
N LEU A 187 -22.66 1.19 -6.46
CA LEU A 187 -23.98 1.80 -6.52
C LEU A 187 -24.31 2.85 -5.49
N CYS A 188 -25.04 3.86 -5.93
CA CYS A 188 -25.46 4.94 -5.06
C CYS A 188 -26.89 5.19 -5.52
N ALA A 189 -27.86 4.89 -4.64
CA ALA A 189 -29.27 5.08 -4.96
C ALA A 189 -29.70 4.19 -6.13
N GLY A 190 -29.21 2.95 -6.16
CA GLY A 190 -29.58 2.03 -7.22
C GLY A 190 -29.02 2.32 -8.61
N ILE A 191 -28.05 3.22 -8.72
CA ILE A 191 -27.47 3.50 -10.03
C ILE A 191 -25.97 3.21 -10.00
N ALA A 192 -25.47 2.54 -11.04
CA ALA A 192 -24.05 2.22 -11.10
C ALA A 192 -23.28 3.50 -11.43
N GLN A 193 -22.38 3.89 -10.53
CA GLN A 193 -21.57 5.09 -10.68
C GLN A 193 -20.10 4.79 -10.94
N GLY A 194 -19.66 3.59 -10.55
CA GLY A 194 -18.28 3.23 -10.75
C GLY A 194 -18.09 1.76 -11.01
N ILE A 195 -16.85 1.39 -11.31
CA ILE A 195 -16.48 0.00 -11.57
C ILE A 195 -15.19 -0.27 -10.80
N ALA A 196 -15.20 -1.26 -9.93
CA ALA A 196 -14.01 -1.61 -9.14
C ALA A 196 -12.86 -1.85 -10.10
N SER A 197 -11.76 -1.15 -9.91
CA SER A 197 -10.60 -1.30 -10.78
C SER A 197 -9.38 -1.90 -10.08
N TYR A 198 -8.78 -1.15 -9.16
CA TYR A 198 -7.61 -1.67 -8.47
C TYR A 198 -7.56 -1.26 -7.02
N VAL A 199 -6.81 -2.03 -6.24
CA VAL A 199 -6.66 -1.81 -4.82
C VAL A 199 -5.21 -1.99 -4.37
N LEU A 200 -4.99 -1.75 -3.09
CA LEU A 200 -3.67 -1.88 -2.51
C LEU A 200 -3.55 -3.37 -2.14
N ARG A 201 -2.39 -3.97 -2.41
CA ARG A 201 -2.17 -5.39 -2.11
C ARG A 201 -2.50 -5.82 -0.68
N ASN A 202 -2.31 -4.92 0.29
CA ASN A 202 -2.59 -5.26 1.68
C ASN A 202 -4.05 -4.96 2.04
N ALA A 203 -4.84 -4.65 1.02
CA ALA A 203 -6.27 -4.35 1.18
C ALA A 203 -6.62 -3.11 1.98
N LYS A 204 -5.66 -2.22 2.22
CA LYS A 204 -5.99 -1.03 2.97
C LYS A 204 -6.62 -0.01 2.03
N PRO A 205 -7.87 0.41 2.31
CA PRO A 205 -8.56 1.39 1.47
C PRO A 205 -7.85 2.74 1.53
N PRO A 206 -8.25 3.69 0.67
CA PRO A 206 -9.31 3.56 -0.32
C PRO A 206 -8.89 2.77 -1.56
N SER A 207 -9.81 2.63 -2.50
CA SER A 207 -9.55 1.91 -3.75
C SER A 207 -9.96 2.77 -4.94
N VAL A 208 -9.53 2.39 -6.14
CA VAL A 208 -9.89 3.15 -7.31
C VAL A 208 -10.96 2.51 -8.17
N PHE A 209 -11.94 3.32 -8.53
CA PHE A 209 -13.05 2.85 -9.36
C PHE A 209 -13.12 3.69 -10.62
N THR A 210 -13.56 3.07 -11.71
CA THR A 210 -13.68 3.81 -12.95
C THR A 210 -14.97 4.63 -12.82
N ARG A 211 -14.91 5.91 -13.15
CA ARG A 211 -16.09 6.78 -13.06
C ARG A 211 -16.88 6.61 -14.35
N ILE A 212 -17.97 5.85 -14.27
CA ILE A 212 -18.82 5.60 -15.43
C ILE A 212 -19.28 6.81 -16.23
N SER A 213 -19.78 7.85 -15.56
CA SER A 213 -20.25 9.05 -16.23
C SER A 213 -19.27 9.68 -17.23
N HIS A 214 -17.98 9.55 -16.96
CA HIS A 214 -16.93 10.09 -17.82
C HIS A 214 -16.86 9.36 -19.16
N TYR A 215 -17.29 8.11 -19.18
CA TYR A 215 -17.25 7.34 -20.40
C TYR A 215 -18.62 7.14 -21.03
N ARG A 216 -19.62 7.85 -20.51
CA ARG A 216 -20.96 7.73 -21.04
C ARG A 216 -21.04 7.84 -22.56
N PRO A 217 -20.37 8.85 -23.15
CA PRO A 217 -20.42 8.98 -24.61
C PRO A 217 -19.89 7.74 -25.32
N TRP A 218 -18.75 7.24 -24.87
CA TRP A 218 -18.16 6.05 -25.49
C TRP A 218 -19.06 4.82 -25.33
N ILE A 219 -19.67 4.69 -24.16
CA ILE A 219 -20.55 3.58 -23.88
C ILE A 219 -21.76 3.64 -24.80
N ASN A 220 -22.35 4.82 -24.91
CA ASN A 220 -23.53 5.02 -25.75
C ASN A 220 -23.28 4.65 -27.21
N LYS A 221 -22.09 4.99 -27.71
CA LYS A 221 -21.73 4.70 -29.09
C LYS A 221 -21.69 3.19 -29.33
N ILE A 222 -21.11 2.45 -28.39
CA ILE A 222 -21.03 1.00 -28.51
C ILE A 222 -22.44 0.42 -28.51
N LEU A 223 -23.24 0.78 -27.51
CA LEU A 223 -24.60 0.26 -27.44
C LEU A 223 -25.47 0.70 -28.62
N ARG A 224 -25.12 1.83 -29.23
CA ARG A 224 -25.86 2.36 -30.36
C ARG A 224 -25.63 1.57 -31.65
N GLU A 225 -24.37 1.28 -31.94
CA GLU A 225 -23.98 0.54 -33.12
C GLU A 225 -23.92 -0.96 -32.94
N ASN A 226 -24.32 -1.45 -31.77
CA ASN A 226 -24.29 -2.90 -31.50
C ASN A 226 -25.54 -3.33 -30.75
N ILE B 1 10.23 -3.71 9.14
CA ILE B 1 10.65 -4.12 7.76
C ILE B 1 9.58 -4.99 7.11
N ILE B 2 9.00 -4.51 6.02
CA ILE B 2 7.96 -5.26 5.32
C ILE B 2 8.49 -5.96 4.09
N GLY B 3 8.20 -7.26 3.99
CA GLY B 3 8.62 -8.08 2.87
C GLY B 3 10.11 -8.31 2.76
N GLY B 4 10.82 -8.27 3.89
CA GLY B 4 12.26 -8.49 3.85
C GLY B 4 12.61 -9.88 4.37
N THR B 5 13.83 -10.04 4.85
CA THR B 5 14.27 -11.33 5.37
C THR B 5 14.99 -11.16 6.70
N GLU B 6 15.06 -12.23 7.48
CA GLU B 6 15.73 -12.18 8.77
C GLU B 6 17.22 -12.03 8.51
N CYS B 7 17.89 -11.18 9.30
CA CYS B 7 19.33 -10.99 9.14
C CYS B 7 20.06 -12.15 9.79
N ARG B 8 21.29 -12.38 9.37
CA ARG B 8 22.06 -13.46 9.95
C ARG B 8 22.37 -12.97 11.37
N PRO B 9 22.08 -13.80 12.39
CA PRO B 9 22.37 -13.36 13.76
C PRO B 9 23.76 -12.74 13.89
N HIS B 10 23.79 -11.52 14.44
CA HIS B 10 25.03 -10.77 14.65
C HIS B 10 25.82 -10.32 13.42
N ALA B 11 25.22 -10.44 12.24
CA ALA B 11 25.90 -10.04 11.01
C ALA B 11 25.95 -8.50 10.86
N ARG B 12 25.13 -7.80 11.62
CA ARG B 12 25.07 -6.33 11.56
C ARG B 12 25.10 -5.81 13.01
N PRO B 13 26.21 -6.09 13.72
CA PRO B 13 26.50 -5.74 15.12
C PRO B 13 26.40 -4.29 15.57
N TYR B 14 26.03 -3.39 14.66
CA TYR B 14 25.90 -1.97 15.00
C TYR B 14 24.44 -1.60 15.27
N MET B 15 23.54 -2.51 14.91
CA MET B 15 22.12 -2.27 15.12
C MET B 15 21.77 -2.06 16.57
N ALA B 16 20.95 -1.06 16.82
CA ALA B 16 20.52 -0.74 18.17
C ALA B 16 19.00 -0.74 18.25
N TYR B 17 18.51 -1.26 19.37
CA TYR B 17 17.08 -1.33 19.60
C TYR B 17 16.82 -0.33 20.73
N LEU B 18 16.05 0.71 20.42
CA LEU B 18 15.73 1.74 21.41
C LEU B 18 14.35 1.69 22.06
N GLU B 19 14.34 1.69 23.39
CA GLU B 19 13.09 1.65 24.14
C GLU B 19 12.95 3.07 24.68
N ILE B 20 11.89 3.74 24.25
CA ILE B 20 11.63 5.10 24.64
C ILE B 20 10.38 5.42 25.47
N VAL B 21 10.51 6.40 26.34
CA VAL B 21 9.44 6.86 27.19
C VAL B 21 9.23 8.25 26.58
N THR B 22 8.21 8.38 25.74
CA THR B 22 7.92 9.65 25.08
C THR B 22 7.60 10.79 26.04
N PRO B 23 7.82 12.03 25.61
CA PRO B 23 7.56 13.21 26.45
C PRO B 23 6.15 13.21 27.05
N GLU B 24 5.19 12.61 26.36
CA GLU B 24 3.83 12.57 26.87
C GLU B 24 3.64 11.33 27.74
N ASN B 25 4.77 10.74 28.11
CA ASN B 25 4.84 9.54 28.94
C ASN B 25 4.29 8.23 28.38
N HIS B 26 4.43 8.02 27.08
CA HIS B 26 3.96 6.79 26.46
C HIS B 26 5.20 5.94 26.23
N LEU B 27 5.01 4.64 26.01
CA LEU B 27 6.13 3.75 25.77
C LEU B 27 6.22 3.43 24.28
N SER B 28 7.41 3.61 23.71
CA SER B 28 7.62 3.35 22.30
C SER B 28 8.98 2.72 21.98
N ALA B 29 9.18 2.39 20.72
CA ALA B 29 10.43 1.79 20.27
C ALA B 29 10.87 2.31 18.89
N CYS B 30 12.18 2.27 18.66
CA CYS B 30 12.79 2.72 17.41
C CYS B 30 14.02 1.88 17.17
N SER B 31 14.64 2.08 16.01
CA SER B 31 15.84 1.36 15.65
C SER B 31 16.93 2.42 15.62
N GLY B 32 18.18 1.98 15.45
CA GLY B 32 19.29 2.91 15.39
C GLY B 32 20.55 2.12 15.12
N PHE B 33 21.67 2.80 15.01
CA PHE B 33 22.92 2.10 14.78
C PHE B 33 24.06 2.81 15.49
N LEU B 34 24.99 2.01 16.00
CA LEU B 34 26.15 2.49 16.72
C LEU B 34 27.19 3.04 15.75
N ILE B 35 27.51 4.34 15.85
CA ILE B 35 28.50 4.91 14.94
C ILE B 35 29.80 5.17 15.68
N ARG B 36 29.77 5.03 17.00
CA ARG B 36 30.95 5.23 17.83
C ARG B 36 30.63 4.52 19.14
N ARG B 37 31.64 3.95 19.79
CA ARG B 37 31.42 3.24 21.05
C ARG B 37 30.41 3.90 22.00
N ASN B 38 30.32 5.23 22.00
CA ASN B 38 29.39 5.88 22.89
C ASN B 38 28.37 6.77 22.18
N PHE B 39 28.12 6.50 20.91
CA PHE B 39 27.18 7.30 20.13
C PHE B 39 26.28 6.48 19.21
N VAL B 40 24.99 6.70 19.33
CA VAL B 40 24.01 6.00 18.51
C VAL B 40 23.29 7.04 17.65
N MET B 41 23.07 6.71 16.40
CA MET B 41 22.39 7.63 15.51
C MET B 41 21.00 7.08 15.28
N THR B 42 20.00 7.95 15.32
CA THR B 42 18.63 7.53 15.11
C THR B 42 17.81 8.73 14.59
N ALA B 43 16.49 8.59 14.57
CA ALA B 43 15.64 9.68 14.09
C ALA B 43 15.29 10.62 15.23
N ALA B 44 15.15 11.90 14.92
CA ALA B 44 14.82 12.90 15.93
C ALA B 44 13.44 12.70 16.56
N HIS B 45 12.48 12.22 15.78
CA HIS B 45 11.15 12.00 16.33
C HIS B 45 11.08 10.87 17.34
N CYS B 46 12.23 10.25 17.62
CA CYS B 46 12.30 9.15 18.57
C CYS B 46 12.73 9.66 19.94
N ALA B 47 12.83 10.98 20.08
CA ALA B 47 13.24 11.61 21.34
C ALA B 47 12.18 11.48 22.42
N GLY B 48 12.61 11.53 23.67
CA GLY B 48 11.65 11.42 24.77
C GLY B 48 12.27 11.79 26.10
N ARG B 49 11.55 11.50 27.18
CA ARG B 49 12.02 11.80 28.53
C ARG B 49 13.26 10.97 28.81
N SER B 50 13.19 9.68 28.49
CA SER B 50 14.32 8.78 28.72
C SER B 50 14.43 7.80 27.57
N ILE B 51 15.63 7.23 27.41
CA ILE B 51 15.86 6.27 26.35
C ILE B 51 16.93 5.30 26.78
N THR B 52 16.83 4.07 26.32
CA THR B 52 17.80 3.03 26.65
C THR B 52 18.12 2.34 25.35
N VAL B 53 19.37 1.89 25.20
CA VAL B 53 19.76 1.22 23.98
C VAL B 53 20.18 -0.21 24.21
N LEU B 54 19.74 -1.10 23.33
CA LEU B 54 20.08 -2.52 23.44
C LEU B 54 20.94 -2.90 22.23
N LEU B 55 22.18 -3.31 22.49
CA LEU B 55 23.11 -3.71 21.44
C LEU B 55 23.47 -5.19 21.57
N GLY B 56 23.85 -5.80 20.44
CA GLY B 56 24.24 -7.20 20.44
C GLY B 56 23.10 -8.20 20.44
N ALA B 57 21.93 -7.75 20.04
CA ALA B 57 20.78 -8.64 19.99
C ALA B 57 20.36 -8.95 18.57
N HIS B 58 19.88 -10.17 18.36
CA HIS B 58 19.43 -10.58 17.05
C HIS B 58 17.92 -10.68 17.26
N ASN B 59 17.55 -11.53 18.22
CA ASN B 59 16.14 -11.71 18.55
C ASN B 59 16.03 -10.97 19.87
N LYS B 60 15.24 -9.89 19.88
CA LYS B 60 15.07 -9.09 21.09
C LYS B 60 14.35 -9.78 22.26
N LYS B 61 13.77 -10.96 22.04
CA LYS B 61 13.09 -11.66 23.12
C LYS B 61 13.94 -12.82 23.62
N VAL B 62 15.17 -12.91 23.13
CA VAL B 62 16.08 -13.97 23.54
C VAL B 62 17.39 -13.37 24.02
N LYS B 63 17.57 -13.36 25.35
CA LYS B 63 18.78 -12.82 25.95
C LYS B 63 19.99 -13.65 25.54
N GLU B 64 21.10 -12.97 25.28
CA GLU B 64 22.35 -13.63 24.90
C GLU B 64 23.48 -12.92 25.62
N ASP B 65 24.64 -13.56 25.69
CA ASP B 65 25.80 -12.98 26.35
C ASP B 65 26.31 -11.75 25.60
N THR B 66 25.86 -11.57 24.37
CA THR B 66 26.31 -10.42 23.59
C THR B 66 25.44 -9.19 23.84
N TRP B 67 24.46 -9.32 24.71
CA TRP B 67 23.56 -8.21 25.03
C TRP B 67 24.20 -7.14 25.90
N GLN B 68 24.03 -5.89 25.50
CA GLN B 68 24.56 -4.76 26.24
C GLN B 68 23.46 -3.70 26.27
N LYS B 69 22.92 -3.45 27.47
CA LYS B 69 21.86 -2.46 27.63
C LYS B 69 22.46 -1.22 28.27
N LEU B 70 22.47 -0.12 27.54
CA LEU B 70 23.02 1.12 28.06
C LEU B 70 22.01 2.25 28.06
N GLU B 71 22.13 3.13 29.04
CA GLU B 71 21.23 4.27 29.16
C GLU B 71 21.81 5.40 28.33
N VAL B 72 20.93 6.27 27.85
CA VAL B 72 21.34 7.42 27.05
C VAL B 72 21.50 8.55 28.05
N GLU B 73 22.65 9.21 28.06
CA GLU B 73 22.81 10.29 29.02
C GLU B 73 22.49 11.63 28.37
N LYS B 74 22.59 11.71 27.04
CA LYS B 74 22.29 12.96 26.39
C LYS B 74 21.74 12.80 24.97
N GLN B 75 20.62 13.47 24.72
CA GLN B 75 19.99 13.40 23.41
C GLN B 75 20.43 14.60 22.59
N PHE B 76 20.85 14.35 21.36
CA PHE B 76 21.30 15.41 20.46
C PHE B 76 20.42 15.54 19.23
N PRO B 77 19.18 16.00 19.42
CA PRO B 77 18.21 16.19 18.33
C PRO B 77 18.76 17.27 17.41
N HIS B 78 18.60 17.12 16.11
CA HIS B 78 19.12 18.16 15.24
C HIS B 78 18.50 19.49 15.62
N PRO B 79 19.30 20.56 15.57
CA PRO B 79 18.88 21.93 15.91
C PRO B 79 17.59 22.38 15.23
N LYS B 80 17.53 22.20 13.92
CA LYS B 80 16.36 22.60 13.16
C LYS B 80 15.35 21.48 12.93
N TYR B 81 15.26 20.52 13.85
CA TYR B 81 14.30 19.44 13.66
C TYR B 81 12.91 20.07 13.66
N ASP B 82 12.11 19.75 12.65
CA ASP B 82 10.76 20.28 12.52
C ASP B 82 9.73 19.19 12.73
N ASP B 83 9.27 19.07 13.96
CA ASP B 83 8.27 18.07 14.32
C ASP B 83 7.14 17.90 13.32
N ARG B 84 6.41 18.98 13.06
CA ARG B 84 5.28 18.97 12.12
C ARG B 84 5.55 18.60 10.66
N LEU B 85 6.61 19.13 10.07
CA LEU B 85 6.93 18.82 8.67
C LEU B 85 7.86 17.61 8.57
N VAL B 86 8.38 17.20 9.72
CA VAL B 86 9.29 16.06 9.80
C VAL B 86 10.50 16.33 8.92
N LEU B 87 11.21 17.42 9.22
CA LEU B 87 12.40 17.81 8.49
C LEU B 87 13.58 17.77 9.44
N ASN B 88 14.75 17.40 8.93
CA ASN B 88 15.93 17.32 9.77
C ASN B 88 15.68 16.31 10.89
N ASP B 89 15.04 15.22 10.53
CA ASP B 89 14.72 14.15 11.48
C ASP B 89 15.92 13.22 11.67
N ILE B 90 16.91 13.71 12.41
CA ILE B 90 18.11 12.95 12.68
C ILE B 90 18.55 13.25 14.09
N MET B 91 19.09 12.25 14.77
CA MET B 91 19.53 12.45 16.13
C MET B 91 20.71 11.59 16.58
N LEU B 92 21.58 12.18 17.37
CA LEU B 92 22.74 11.47 17.89
C LEU B 92 22.44 11.25 19.36
N LEU B 93 22.82 10.09 19.89
CA LEU B 93 22.58 9.78 21.28
C LEU B 93 23.87 9.40 21.99
N LYS B 94 24.21 10.13 23.05
CA LYS B 94 25.42 9.83 23.79
C LYS B 94 25.06 8.88 24.92
N LEU B 95 25.74 7.74 24.98
CA LEU B 95 25.48 6.74 26.02
C LEU B 95 26.26 7.09 27.28
N LYS B 96 25.76 6.67 28.44
CA LYS B 96 26.44 6.97 29.71
C LYS B 96 27.87 6.47 29.73
N GLU B 97 28.12 5.33 29.10
CA GLU B 97 29.45 4.74 29.03
C GLU B 97 29.65 4.13 27.66
N LYS B 98 30.90 3.97 27.25
CA LYS B 98 31.19 3.40 25.94
C LYS B 98 30.83 1.94 25.90
N ALA B 99 30.38 1.48 24.74
CA ALA B 99 30.03 0.08 24.58
C ALA B 99 31.33 -0.71 24.41
N ASN B 100 31.29 -1.99 24.72
CA ASN B 100 32.50 -2.80 24.58
C ASN B 100 32.37 -3.54 23.24
N LEU B 101 33.44 -3.52 22.45
CA LEU B 101 33.43 -4.20 21.15
C LEU B 101 33.49 -5.71 21.37
N THR B 102 32.63 -6.44 20.68
CA THR B 102 32.58 -7.89 20.78
C THR B 102 32.14 -8.39 19.42
N LEU B 103 31.95 -9.71 19.29
CA LEU B 103 31.54 -10.28 18.03
C LEU B 103 30.10 -9.87 17.69
N GLY B 104 29.36 -9.41 18.69
CA GLY B 104 28.00 -9.01 18.46
C GLY B 104 27.73 -7.52 18.51
N VAL B 105 28.79 -6.72 18.70
CA VAL B 105 28.66 -5.27 18.78
C VAL B 105 29.81 -4.52 18.13
N GLY B 106 29.50 -3.74 17.09
CA GLY B 106 30.50 -2.96 16.39
C GLY B 106 29.93 -1.64 15.90
N THR B 107 30.73 -0.84 15.20
CA THR B 107 30.21 0.44 14.69
C THR B 107 29.97 0.42 13.19
N LEU B 108 29.28 1.44 12.71
CA LEU B 108 28.97 1.55 11.30
C LEU B 108 29.52 2.84 10.71
N PRO B 109 30.34 2.74 9.66
CA PRO B 109 30.87 3.97 9.08
C PRO B 109 29.72 4.65 8.34
N ILE B 110 29.67 5.98 8.43
CA ILE B 110 28.60 6.73 7.76
C ILE B 110 29.06 7.44 6.49
N SER B 111 28.10 7.84 5.67
CA SER B 111 28.39 8.53 4.41
C SER B 111 28.99 9.90 4.62
N ALA B 112 29.79 10.33 3.65
CA ALA B 112 30.45 11.63 3.69
C ALA B 112 29.88 12.52 2.59
N LYS B 113 29.82 13.81 2.86
CA LYS B 113 29.31 14.80 1.92
C LYS B 113 29.82 14.59 0.49
N SER B 114 29.23 13.65 -0.22
CA SER B 114 29.63 13.35 -1.60
C SER B 114 29.32 11.90 -1.98
N ASN B 115 29.98 10.97 -1.29
CA ASN B 115 29.80 9.54 -1.52
C ASN B 115 28.35 9.17 -1.72
N SER B 116 27.45 10.11 -1.41
CA SER B 116 26.02 9.88 -1.56
C SER B 116 25.74 8.99 -2.77
N ILE B 117 24.91 7.97 -2.58
CA ILE B 117 24.56 7.03 -3.63
C ILE B 117 23.54 7.62 -4.62
N PRO B 118 23.74 7.38 -5.92
CA PRO B 118 22.86 7.85 -7.01
C PRO B 118 21.62 7.00 -7.25
N PRO B 119 20.54 7.60 -7.78
CA PRO B 119 19.29 6.91 -8.07
C PRO B 119 19.52 5.61 -8.85
N GLY B 120 18.73 4.60 -8.54
CA GLY B 120 18.87 3.32 -9.23
C GLY B 120 19.61 2.32 -8.38
N ARG B 121 20.48 2.83 -7.51
CA ARG B 121 21.26 1.97 -6.62
C ARG B 121 20.34 1.25 -5.63
N VAL B 122 20.51 -0.06 -5.52
CA VAL B 122 19.70 -0.86 -4.61
C VAL B 122 20.42 -0.95 -3.28
N CYS B 123 19.76 -0.47 -2.22
CA CYS B 123 20.37 -0.52 -0.90
C CYS B 123 19.53 -1.41 0.02
N ARG B 124 19.95 -1.52 1.28
CA ARG B 124 19.22 -2.34 2.23
C ARG B 124 18.85 -1.56 3.48
N ALA B 125 17.60 -1.70 3.90
CA ALA B 125 17.08 -1.03 5.08
C ALA B 125 17.08 -2.07 6.22
N VAL B 126 17.50 -1.67 7.41
CA VAL B 126 17.54 -2.58 8.53
C VAL B 126 16.82 -2.06 9.77
N GLY B 127 15.93 -2.87 10.33
CA GLY B 127 15.20 -2.45 11.52
C GLY B 127 14.40 -3.53 12.24
N TRP B 128 13.83 -3.14 13.38
CA TRP B 128 13.02 -4.02 14.23
C TRP B 128 11.53 -3.68 14.15
N GLY B 129 11.13 -2.97 13.11
CA GLY B 129 9.73 -2.59 12.98
C GLY B 129 8.74 -3.71 12.64
N ARG B 130 7.48 -3.33 12.53
CA ARG B 130 6.40 -4.27 12.20
C ARG B 130 6.68 -4.92 10.85
N THR B 131 6.32 -6.19 10.70
CA THR B 131 6.56 -6.91 9.46
C THR B 131 5.47 -6.68 8.43
N ASN B 132 4.41 -6.00 8.85
CA ASN B 132 3.30 -5.68 7.97
C ASN B 132 2.37 -4.75 8.72
N VAL B 133 1.53 -4.03 7.99
CA VAL B 133 0.60 -3.08 8.60
C VAL B 133 -0.11 -3.58 9.87
N ASN B 134 -0.59 -4.82 9.86
CA ASN B 134 -1.28 -5.37 11.02
C ASN B 134 -0.50 -6.44 11.77
N GLU B 135 0.81 -6.49 11.55
CA GLU B 135 1.65 -7.48 12.21
C GLU B 135 2.50 -6.82 13.27
N PRO B 136 2.85 -7.58 14.33
CA PRO B 136 3.66 -7.07 15.43
C PRO B 136 5.10 -6.73 15.05
N PRO B 137 5.78 -5.95 15.90
CA PRO B 137 7.16 -5.60 15.61
C PRO B 137 7.89 -6.93 15.55
N SER B 138 8.85 -7.05 14.63
CA SER B 138 9.62 -8.30 14.50
C SER B 138 10.53 -8.55 15.71
N ASP B 139 10.58 -9.79 16.18
CA ASP B 139 11.43 -10.11 17.33
C ASP B 139 12.88 -10.17 16.87
N THR B 140 13.06 -10.60 15.64
CA THR B 140 14.38 -10.72 15.06
C THR B 140 14.65 -9.61 14.07
N LEU B 141 15.91 -9.19 14.02
CA LEU B 141 16.35 -8.13 13.12
C LEU B 141 15.99 -8.49 11.67
N GLN B 142 15.36 -7.55 10.98
CA GLN B 142 14.95 -7.75 9.59
C GLN B 142 15.71 -6.86 8.62
N GLU B 143 15.86 -7.36 7.40
CA GLU B 143 16.57 -6.67 6.33
C GLU B 143 15.74 -6.69 5.03
N VAL B 144 15.77 -5.58 4.29
CA VAL B 144 15.02 -5.51 3.03
C VAL B 144 15.68 -4.63 1.97
N LYS B 145 15.74 -5.14 0.74
CA LYS B 145 16.34 -4.39 -0.35
C LYS B 145 15.37 -3.33 -0.89
N MET B 146 15.90 -2.13 -1.13
CA MET B 146 15.11 -1.01 -1.64
C MET B 146 15.95 -0.12 -2.57
N ARG B 147 15.34 0.37 -3.63
CA ARG B 147 16.05 1.22 -4.57
C ARG B 147 15.84 2.71 -4.33
N ILE B 148 16.88 3.47 -4.63
CA ILE B 148 16.84 4.92 -4.47
C ILE B 148 16.06 5.36 -5.70
N LEU B 149 15.09 6.25 -5.52
CA LEU B 149 14.30 6.72 -6.65
C LEU B 149 14.50 8.20 -6.92
N ASP B 150 14.07 8.64 -8.10
CA ASP B 150 14.21 10.06 -8.44
C ASP B 150 13.34 10.76 -7.39
N PRO B 151 13.74 11.96 -6.95
CA PRO B 151 12.95 12.67 -5.94
C PRO B 151 11.51 12.99 -6.37
N GLN B 152 11.21 12.83 -7.65
CA GLN B 152 9.88 13.10 -8.14
C GLN B 152 8.90 12.03 -7.67
N ALA B 153 9.43 10.83 -7.47
CA ALA B 153 8.63 9.69 -7.01
C ALA B 153 7.99 9.98 -5.65
N CYS B 154 8.51 10.98 -4.96
CA CYS B 154 7.99 11.35 -3.65
C CYS B 154 7.19 12.65 -3.68
N LYS B 155 6.75 13.06 -4.87
CA LYS B 155 5.98 14.30 -4.99
C LYS B 155 4.73 14.34 -4.13
N HIS B 156 4.10 13.19 -3.90
CA HIS B 156 2.89 13.15 -3.08
C HIS B 156 3.17 13.50 -1.63
N PHE B 157 4.46 13.62 -1.28
CA PHE B 157 4.83 13.97 0.08
C PHE B 157 5.06 15.47 0.11
N GLU B 158 4.05 16.20 0.61
CA GLU B 158 4.06 17.65 0.73
C GLU B 158 5.39 18.31 1.07
N ASP B 159 6.06 17.85 2.12
CA ASP B 159 7.33 18.46 2.51
C ASP B 159 8.63 17.72 2.22
N PHE B 160 8.66 16.98 1.12
CA PHE B 160 9.85 16.25 0.76
C PHE B 160 10.82 17.18 0.04
N HIS B 161 12.09 17.10 0.41
CA HIS B 161 13.14 17.92 -0.18
C HIS B 161 14.24 16.97 -0.61
N GLN B 162 14.59 17.01 -1.88
CA GLN B 162 15.63 16.13 -2.43
C GLN B 162 17.03 16.32 -1.88
N GLU B 163 17.32 17.51 -1.36
CA GLU B 163 18.65 17.76 -0.82
C GLU B 163 18.91 17.06 0.52
N PRO B 164 18.02 17.26 1.50
CA PRO B 164 18.24 16.62 2.80
C PRO B 164 17.57 15.25 2.97
N GLN B 165 16.73 14.87 2.01
CA GLN B 165 16.07 13.57 2.11
C GLN B 165 16.15 12.70 0.87
N LEU B 166 15.97 11.41 1.09
CA LEU B 166 16.01 10.42 0.02
C LEU B 166 14.62 9.80 -0.16
N CYS B 167 14.29 9.49 -1.41
CA CYS B 167 13.02 8.88 -1.74
C CYS B 167 13.40 7.43 -2.02
N VAL B 168 12.93 6.51 -1.19
CA VAL B 168 13.28 5.11 -1.40
C VAL B 168 12.17 4.06 -1.40
N GLY B 169 12.25 3.15 -2.36
CA GLY B 169 11.28 2.08 -2.47
C GLY B 169 10.34 2.05 -3.66
N ASN B 170 10.53 1.07 -4.53
CA ASN B 170 9.69 0.89 -5.71
C ASN B 170 8.24 0.85 -5.22
N PRO B 171 7.40 1.80 -5.67
CA PRO B 171 5.99 1.85 -5.25
C PRO B 171 5.16 0.66 -5.75
N LYS B 172 5.72 -0.10 -6.69
CA LYS B 172 5.02 -1.25 -7.25
C LYS B 172 5.23 -2.51 -6.39
N LYS B 173 6.02 -2.38 -5.32
CA LYS B 173 6.28 -3.53 -4.47
C LYS B 173 5.83 -3.30 -3.04
N ILE B 174 5.85 -4.37 -2.23
CA ILE B 174 5.45 -4.27 -0.84
C ILE B 174 6.69 -3.98 -0.01
N ARG B 175 7.87 -4.32 -0.52
CA ARG B 175 9.13 -4.09 0.20
C ARG B 175 9.13 -2.65 0.74
N ASN B 176 9.28 -2.50 2.05
CA ASN B 176 9.29 -1.17 2.64
C ASN B 176 9.64 -1.24 4.12
N VAL B 177 9.81 -0.06 4.73
CA VAL B 177 10.13 0.04 6.16
C VAL B 177 8.79 0.43 6.78
N TYR B 178 8.69 0.43 8.11
CA TYR B 178 7.41 0.78 8.74
C TYR B 178 7.58 1.09 10.23
N LYS B 179 6.44 1.25 10.91
CA LYS B 179 6.43 1.55 12.34
C LYS B 179 7.49 0.73 13.07
N GLY B 180 8.36 1.44 13.78
CA GLY B 180 9.43 0.79 14.54
C GLY B 180 10.76 0.81 13.82
N ASP B 181 10.76 1.08 12.52
CA ASP B 181 11.99 1.10 11.75
C ASP B 181 12.69 2.44 11.77
N SER B 182 11.98 3.48 12.21
CA SER B 182 12.56 4.80 12.28
C SER B 182 13.92 4.71 12.95
N GLY B 183 14.87 5.53 12.48
CA GLY B 183 16.19 5.50 13.07
C GLY B 183 17.06 4.41 12.47
N GLY B 184 16.44 3.45 11.80
CA GLY B 184 17.19 2.38 11.19
C GLY B 184 18.08 2.87 10.05
N PRO B 185 19.16 2.16 9.74
CA PRO B 185 20.04 2.61 8.65
C PRO B 185 19.71 2.03 7.29
N LEU B 186 19.99 2.82 6.26
CA LEU B 186 19.76 2.43 4.88
C LEU B 186 21.20 2.30 4.37
N LEU B 187 21.67 1.06 4.21
CA LEU B 187 23.02 0.80 3.74
C LEU B 187 23.19 0.47 2.26
N CYS B 188 24.17 1.11 1.65
CA CYS B 188 24.47 0.88 0.24
C CYS B 188 25.94 0.47 0.25
N ALA B 189 26.22 -0.73 -0.24
CA ALA B 189 27.59 -1.22 -0.28
C ALA B 189 28.23 -1.36 1.11
N GLY B 190 27.42 -1.36 2.16
CA GLY B 190 27.97 -1.50 3.49
C GLY B 190 28.25 -0.16 4.15
N ILE B 191 27.77 0.90 3.52
CA ILE B 191 27.96 2.26 4.03
C ILE B 191 26.60 2.85 4.34
N ALA B 192 26.43 3.42 5.53
CA ALA B 192 25.15 4.02 5.90
C ALA B 192 24.92 5.31 5.12
N GLN B 193 23.92 5.29 4.26
CA GLN B 193 23.58 6.45 3.44
C GLN B 193 22.39 7.21 3.99
N GLY B 194 21.51 6.52 4.70
CA GLY B 194 20.33 7.19 5.23
C GLY B 194 19.76 6.66 6.53
N ILE B 195 18.73 7.35 7.01
CA ILE B 195 18.05 6.99 8.24
C ILE B 195 16.55 6.96 7.97
N ALA B 196 15.91 5.84 8.28
CA ALA B 196 14.47 5.71 8.05
C ALA B 196 13.76 6.83 8.81
N SER B 197 12.97 7.61 8.11
CA SER B 197 12.25 8.72 8.74
C SER B 197 10.74 8.53 8.80
N TYR B 198 10.06 8.59 7.67
CA TYR B 198 8.62 8.40 7.71
C TYR B 198 8.00 7.62 6.55
N VAL B 199 6.82 7.06 6.82
CA VAL B 199 6.10 6.27 5.83
C VAL B 199 4.62 6.66 5.75
N LEU B 200 3.92 5.95 4.88
CA LEU B 200 2.49 6.15 4.66
C LEU B 200 1.87 5.15 5.63
N ARG B 201 0.75 5.51 6.23
CA ARG B 201 0.10 4.61 7.16
C ARG B 201 -0.28 3.30 6.47
N ASN B 202 -0.64 3.38 5.19
CA ASN B 202 -1.01 2.17 4.46
C ASN B 202 0.18 1.37 3.96
N ALA B 203 1.38 1.77 4.39
CA ALA B 203 2.62 1.10 4.03
C ALA B 203 2.99 1.07 2.55
N LYS B 204 2.32 1.87 1.73
CA LYS B 204 2.67 1.84 0.32
C LYS B 204 3.97 2.62 0.12
N PRO B 205 4.99 1.98 -0.47
CA PRO B 205 6.26 2.67 -0.69
C PRO B 205 6.09 3.70 -1.81
N PRO B 206 7.07 4.60 -1.99
CA PRO B 206 8.33 4.70 -1.24
C PRO B 206 8.18 5.36 0.12
N SER B 207 9.27 5.36 0.88
CA SER B 207 9.31 5.96 2.20
C SER B 207 10.38 7.02 2.18
N VAL B 208 10.41 7.87 3.19
CA VAL B 208 11.41 8.94 3.26
C VAL B 208 12.52 8.73 4.26
N PHE B 209 13.76 8.83 3.78
CA PHE B 209 14.93 8.66 4.62
C PHE B 209 15.73 9.96 4.66
N THR B 210 16.35 10.23 5.80
CA THR B 210 17.15 11.44 5.95
C THR B 210 18.48 11.17 5.27
N ARG B 211 18.91 12.05 4.37
CA ARG B 211 20.18 11.85 3.67
C ARG B 211 21.32 12.21 4.62
N ILE B 212 22.04 11.18 5.08
CA ILE B 212 23.15 11.38 5.99
C ILE B 212 24.21 12.37 5.50
N SER B 213 24.74 12.16 4.30
CA SER B 213 25.75 13.06 3.77
C SER B 213 25.42 14.54 3.94
N HIS B 214 24.14 14.87 3.83
CA HIS B 214 23.72 16.26 3.98
C HIS B 214 23.96 16.85 5.37
N TYR B 215 24.08 16.00 6.38
CA TYR B 215 24.30 16.48 7.73
C TYR B 215 25.67 16.13 8.29
N ARG B 216 26.55 15.58 7.46
CA ARG B 216 27.90 15.20 7.89
C ARG B 216 28.56 16.27 8.77
N PRO B 217 28.53 17.53 8.33
CA PRO B 217 29.15 18.61 9.10
C PRO B 217 28.60 18.71 10.53
N TRP B 218 27.29 18.61 10.68
CA TRP B 218 26.67 18.68 12.00
C TRP B 218 27.05 17.45 12.82
N ILE B 219 27.04 16.30 12.17
CA ILE B 219 27.39 15.06 12.85
C ILE B 219 28.80 15.15 13.40
N ASN B 220 29.73 15.59 12.54
CA ASN B 220 31.13 15.72 12.95
C ASN B 220 31.31 16.67 14.11
N LYS B 221 30.60 17.78 14.10
CA LYS B 221 30.73 18.75 15.18
C LYS B 221 30.33 18.13 16.51
N ILE B 222 29.16 17.50 16.56
CA ILE B 222 28.69 16.87 17.79
C ILE B 222 29.68 15.80 18.30
N LEU B 223 30.25 15.02 17.38
CA LEU B 223 31.19 13.98 17.77
C LEU B 223 32.49 14.55 18.32
N ARG B 224 32.91 15.70 17.81
CA ARG B 224 34.14 16.34 18.26
C ARG B 224 34.00 16.92 19.65
N GLU B 225 32.83 17.50 19.93
CA GLU B 225 32.56 18.11 21.23
C GLU B 225 31.92 17.21 22.28
N ASN B 226 31.81 15.92 22.01
CA ASN B 226 31.19 15.01 22.98
C ASN B 226 31.78 13.61 22.95
N ALA C 2 0.04 -1.03 -6.02
CA ALA C 2 -1.34 -1.25 -6.42
C ALA C 2 -1.45 -2.58 -7.14
N ALA C 3 -2.68 -3.04 -7.33
CA ALA C 3 -2.95 -4.30 -8.01
C ALA C 3 -4.34 -4.25 -8.62
N PRO C 4 -4.45 -4.53 -9.93
CA PRO C 4 -5.75 -4.52 -10.62
C PRO C 4 -6.55 -5.78 -10.33
N ALA D 2 1.46 10.94 6.29
CA ALA D 2 2.84 10.72 5.95
C ALA D 2 3.16 10.57 7.41
N ALA D 3 3.73 9.43 7.90
CA ALA D 3 3.65 9.21 9.31
C ALA D 3 5.00 8.80 9.77
N PRO D 4 5.65 9.61 10.69
CA PRO D 4 7.00 9.35 11.22
C PRO D 4 7.11 8.08 12.05
#